data_7OKD
#
_entry.id   7OKD
#
_cell.length_a   67.520
_cell.length_b   67.520
_cell.length_c   167.190
_cell.angle_alpha   90.000
_cell.angle_beta   90.000
_cell.angle_gamma   120.000
#
_symmetry.space_group_name_H-M   'P 61 2 2'
#
loop_
_entity.id
_entity.type
_entity.pdbx_description
1 polymer 'B-cell lymphoma 6 protein'
2 non-polymer 2-chloranyl-4-[[4-[2-(5-cyclopropylpyrimidin-2-yl)propan-2-ylamino]-1-methyl-2-oxidanylidene-quinolin-6-yl]amino]pyridine-3-carbonitrile
3 non-polymer 1,2-ETHANEDIOL
4 non-polymer 'DIMETHYL SULFOXIDE'
5 water water
#
_entity_poly.entity_id   1
_entity_poly.type   'polypeptide(L)'
_entity_poly.pdbx_seq_one_letter_code
;GPGLDYKDDDDKENLYFQGADSCIQFTRHASDVLLNLNRLRSRDILTDVVIVVSREQFRAHKTVLMACSGLFYSIFTDQL
KCNLSVINLDPEINPEGFCILLDFMYTSRLNLREGNIMAVMATAMYLQMEHVVDTCRKFIKASE
;
_entity_poly.pdbx_strand_id   A
#
# COMPACT_ATOMS: atom_id res chain seq x y z
C GLU A 13 10.45 -25.29 -11.63
N ASN A 14 11.75 -25.01 -11.41
CA ASN A 14 12.30 -24.95 -10.05
C ASN A 14 11.84 -23.71 -9.31
N LEU A 15 11.41 -23.91 -8.05
CA LEU A 15 10.87 -22.88 -7.19
C LEU A 15 11.92 -22.33 -6.21
N TYR A 16 13.16 -22.90 -6.23
CA TYR A 16 14.17 -22.48 -5.27
C TYR A 16 15.57 -22.40 -5.87
N PHE A 17 16.48 -21.74 -5.15
CA PHE A 17 17.88 -21.61 -5.57
C PHE A 17 18.81 -21.48 -4.37
N GLN A 18 20.13 -21.56 -4.61
N GLN A 18 20.14 -21.57 -4.61
CA GLN A 18 21.10 -21.36 -3.56
CA GLN A 18 21.13 -21.38 -3.56
C GLN A 18 21.29 -19.85 -3.42
C GLN A 18 21.35 -19.88 -3.41
N GLY A 19 20.96 -19.31 -2.28
CA GLY A 19 21.11 -17.90 -2.07
C GLY A 19 22.56 -17.55 -1.94
N ALA A 20 22.86 -16.26 -1.87
CA ALA A 20 24.23 -15.79 -1.68
C ALA A 20 24.81 -16.30 -0.35
N ASP A 21 23.97 -16.38 0.70
CA ASP A 21 24.27 -16.93 2.01
C ASP A 21 24.11 -18.47 2.00
N SER A 22 24.14 -19.10 3.16
CA SER A 22 24.00 -20.57 3.16
C SER A 22 22.67 -21.13 2.62
N CYS A 23 21.57 -20.44 2.91
CA CYS A 23 20.21 -20.89 2.62
C CYS A 23 19.66 -21.13 1.22
N ILE A 24 18.70 -22.04 1.17
CA ILE A 24 17.91 -22.34 0.00
C ILE A 24 16.92 -21.17 0.01
N GLN A 25 16.69 -20.52 -1.12
CA GLN A 25 15.75 -19.40 -1.16
C GLN A 25 14.67 -19.70 -2.19
N PHE A 26 13.41 -19.37 -1.85
CA PHE A 26 12.26 -19.61 -2.71
C PHE A 26 11.92 -18.33 -3.46
N THR A 27 12.09 -18.37 -4.77
CA THR A 27 11.91 -17.24 -5.69
C THR A 27 10.57 -16.49 -5.57
N ARG A 28 9.45 -17.23 -5.53
CA ARG A 28 8.10 -16.66 -5.58
C ARG A 28 7.42 -16.54 -4.22
N HIS A 29 8.10 -16.95 -3.15
CA HIS A 29 7.54 -16.97 -1.79
C HIS A 29 6.94 -15.65 -1.36
N ALA A 30 7.69 -14.54 -1.46
CA ALA A 30 7.16 -13.22 -1.04
C ALA A 30 5.89 -12.83 -1.82
N SER A 31 5.86 -13.11 -3.13
CA SER A 31 4.66 -12.77 -3.92
C SER A 31 3.47 -13.72 -3.62
N ASP A 32 3.76 -14.99 -3.28
CA ASP A 32 2.73 -15.97 -2.89
C ASP A 32 2.13 -15.58 -1.54
N VAL A 33 2.94 -15.04 -0.63
CA VAL A 33 2.47 -14.53 0.69
C VAL A 33 1.56 -13.32 0.43
N LEU A 34 2.04 -12.37 -0.39
CA LEU A 34 1.28 -11.14 -0.68
C LEU A 34 -0.07 -11.43 -1.35
N LEU A 35 -0.10 -12.42 -2.27
CA LEU A 35 -1.34 -12.84 -2.92
C LEU A 35 -2.35 -13.33 -1.86
N ASN A 36 -1.90 -14.12 -0.86
CA ASN A 36 -2.80 -14.61 0.17
C ASN A 36 -3.28 -13.49 1.07
N LEU A 37 -2.42 -12.50 1.37
CA LEU A 37 -2.82 -11.33 2.17
C LEU A 37 -3.90 -10.57 1.41
N ASN A 38 -3.78 -10.47 0.06
CA ASN A 38 -4.83 -9.79 -0.72
C ASN A 38 -6.14 -10.59 -0.74
N ARG A 39 -6.03 -11.94 -0.77
CA ARG A 39 -7.20 -12.83 -0.73
C ARG A 39 -7.89 -12.65 0.63
N LEU A 40 -7.14 -12.59 1.73
CA LEU A 40 -7.72 -12.34 3.06
C LEU A 40 -8.44 -11.00 3.08
N ARG A 41 -7.83 -9.94 2.53
CA ARG A 41 -8.45 -8.61 2.43
C ARG A 41 -9.77 -8.67 1.65
N SER A 42 -9.78 -9.33 0.45
CA SER A 42 -10.99 -9.47 -0.40
C SER A 42 -12.14 -10.09 0.39
N ARG A 43 -11.81 -11.05 1.26
CA ARG A 43 -12.79 -11.80 2.05
C ARG A 43 -13.03 -11.18 3.42
N ASP A 44 -12.35 -10.06 3.73
CA ASP A 44 -12.47 -9.36 5.00
C ASP A 44 -12.04 -10.27 6.18
N ILE A 45 -11.01 -11.09 5.99
CA ILE A 45 -10.54 -12.00 7.05
C ILE A 45 -9.39 -11.34 7.81
N LEU A 46 -9.54 -11.21 9.15
CA LEU A 46 -8.54 -10.66 10.08
C LEU A 46 -8.15 -9.21 9.77
N THR A 47 -8.98 -8.50 8.99
CA THR A 47 -8.74 -7.07 8.74
C THR A 47 -9.00 -6.41 10.13
N ASP A 48 -8.19 -5.41 10.49
CA ASP A 48 -8.25 -4.83 11.83
C ASP A 48 -8.33 -3.32 11.82
N VAL A 49 -8.57 -2.74 10.64
CA VAL A 49 -8.72 -1.29 10.57
C VAL A 49 -9.59 -0.91 9.38
N VAL A 50 -10.28 0.22 9.50
N VAL A 50 -10.31 0.20 9.49
CA VAL A 50 -11.06 0.88 8.45
CA VAL A 50 -11.04 0.80 8.39
C VAL A 50 -10.35 2.20 8.17
C VAL A 50 -10.42 2.19 8.15
N ILE A 51 -10.01 2.47 6.90
CA ILE A 51 -9.43 3.76 6.51
C ILE A 51 -10.57 4.52 5.87
N VAL A 52 -10.91 5.71 6.42
CA VAL A 52 -12.02 6.54 5.92
C VAL A 52 -11.44 7.69 5.08
N VAL A 53 -11.90 7.77 3.82
CA VAL A 53 -11.44 8.77 2.84
C VAL A 53 -12.70 9.42 2.28
N SER A 54 -13.03 10.59 2.84
CA SER A 54 -14.24 11.37 2.56
C SER A 54 -15.45 10.42 2.83
N ARG A 55 -16.32 10.18 1.84
CA ARG A 55 -17.48 9.31 2.07
C ARG A 55 -17.15 7.79 1.96
N GLU A 56 -15.87 7.43 1.68
CA GLU A 56 -15.50 6.06 1.39
C GLU A 56 -14.73 5.36 2.49
N GLN A 57 -14.95 4.05 2.63
CA GLN A 57 -14.31 3.22 3.66
C GLN A 57 -13.55 2.09 3.00
N PHE A 58 -12.34 1.81 3.51
CA PHE A 58 -11.47 0.73 3.02
C PHE A 58 -10.98 -0.11 4.18
N ARG A 59 -11.33 -1.41 4.20
CA ARG A 59 -10.87 -2.32 5.25
C ARG A 59 -9.52 -2.88 4.86
N ALA A 60 -8.62 -2.98 5.83
CA ALA A 60 -7.25 -3.47 5.56
C ALA A 60 -6.63 -4.12 6.79
N HIS A 61 -5.35 -4.56 6.66
CA HIS A 61 -4.57 -5.11 7.74
C HIS A 61 -3.53 -4.03 8.09
N LYS A 62 -3.47 -3.63 9.36
CA LYS A 62 -2.52 -2.59 9.80
C LYS A 62 -1.07 -2.94 9.41
N THR A 63 -0.65 -4.21 9.59
CA THR A 63 0.74 -4.64 9.26
C THR A 63 1.08 -4.37 7.79
N VAL A 64 0.15 -4.63 6.86
CA VAL A 64 0.39 -4.35 5.43
C VAL A 64 0.53 -2.83 5.17
N LEU A 65 -0.37 -2.04 5.75
CA LEU A 65 -0.35 -0.57 5.60
C LEU A 65 0.97 0.01 6.10
N MET A 66 1.43 -0.41 7.31
CA MET A 66 2.70 0.05 7.90
C MET A 66 3.89 -0.38 7.04
N ALA A 67 3.84 -1.61 6.51
CA ALA A 67 4.92 -2.14 5.66
C ALA A 67 5.09 -1.35 4.35
N CYS A 68 4.05 -0.58 3.95
CA CYS A 68 4.02 0.12 2.66
C CYS A 68 4.03 1.61 2.71
N SER A 69 3.94 2.24 3.89
CA SER A 69 3.73 3.68 3.99
C SER A 69 4.37 4.26 5.22
N GLY A 70 5.12 5.35 5.05
CA GLY A 70 5.74 6.06 6.17
C GLY A 70 4.70 6.68 7.09
N LEU A 71 3.54 7.11 6.54
CA LEU A 71 2.45 7.67 7.36
C LEU A 71 1.81 6.58 8.23
N PHE A 72 1.43 5.43 7.64
CA PHE A 72 0.84 4.35 8.45
C PHE A 72 1.82 3.75 9.44
N TYR A 73 3.11 3.64 9.07
CA TYR A 73 4.15 3.17 9.97
C TYR A 73 4.23 4.10 11.22
N SER A 74 4.18 5.44 11.03
N SER A 74 4.19 5.43 11.02
CA SER A 74 4.20 6.42 12.13
CA SER A 74 4.20 6.42 12.11
C SER A 74 2.95 6.31 13.02
C SER A 74 2.96 6.24 13.01
N ILE A 75 1.76 6.14 12.41
CA ILE A 75 0.48 6.00 13.14
C ILE A 75 0.42 4.72 13.96
N PHE A 76 0.65 3.56 13.34
CA PHE A 76 0.46 2.30 14.05
C PHE A 76 1.63 1.92 14.99
N THR A 77 2.73 2.73 15.05
CA THR A 77 3.81 2.52 16.05
C THR A 77 3.60 3.50 17.22
N ASP A 78 2.63 4.42 17.09
CA ASP A 78 2.31 5.37 18.14
C ASP A 78 1.48 4.66 19.22
N GLN A 79 1.92 4.72 20.49
CA GLN A 79 1.30 4.08 21.65
C GLN A 79 -0.18 4.34 21.79
N LEU A 80 -0.61 5.56 21.44
CA LEU A 80 -2.01 5.92 21.52
C LEU A 80 -2.81 5.45 20.31
N LYS A 81 -2.28 5.62 19.07
CA LYS A 81 -3.00 5.34 17.83
C LYS A 81 -2.93 3.89 17.33
N CYS A 82 -1.94 3.10 17.77
CA CYS A 82 -1.80 1.70 17.36
C CYS A 82 -3.06 0.88 17.57
N ASN A 83 -3.88 1.25 18.56
CA ASN A 83 -5.13 0.59 18.97
C ASN A 83 -6.41 1.11 18.31
N LEU A 84 -6.31 2.09 17.42
CA LEU A 84 -7.50 2.62 16.76
C LEU A 84 -8.01 1.65 15.70
N SER A 85 -9.33 1.49 15.61
CA SER A 85 -9.99 0.60 14.65
C SER A 85 -10.39 1.38 13.40
N VAL A 86 -10.42 2.71 13.52
CA VAL A 86 -10.84 3.63 12.46
C VAL A 86 -9.79 4.74 12.32
N ILE A 87 -9.34 5.01 11.09
CA ILE A 87 -8.37 6.09 10.81
C ILE A 87 -8.98 6.97 9.73
N ASN A 88 -9.14 8.26 10.03
CA ASN A 88 -9.70 9.21 9.06
C ASN A 88 -8.55 9.93 8.37
N LEU A 89 -8.53 9.88 7.04
CA LEU A 89 -7.48 10.60 6.29
C LEU A 89 -7.96 12.00 6.00
N ASP A 90 -7.02 12.89 5.64
CA ASP A 90 -7.28 14.27 5.24
C ASP A 90 -8.45 14.27 4.22
N PRO A 91 -9.55 15.05 4.45
CA PRO A 91 -10.69 15.03 3.51
C PRO A 91 -10.37 15.48 2.08
N GLU A 92 -9.16 16.03 1.86
CA GLU A 92 -8.71 16.45 0.53
C GLU A 92 -8.13 15.27 -0.25
N ILE A 93 -7.95 14.11 0.40
CA ILE A 93 -7.42 12.92 -0.29
C ILE A 93 -8.49 12.36 -1.24
N ASN A 94 -8.11 12.13 -2.49
CA ASN A 94 -9.03 11.58 -3.48
C ASN A 94 -9.21 10.07 -3.20
N PRO A 95 -10.47 9.59 -2.98
CA PRO A 95 -10.65 8.15 -2.67
C PRO A 95 -10.15 7.20 -3.75
N GLU A 96 -10.27 7.58 -5.04
CA GLU A 96 -9.79 6.73 -6.14
C GLU A 96 -8.25 6.57 -6.07
N GLY A 97 -7.55 7.69 -5.81
CA GLY A 97 -6.11 7.69 -5.65
C GLY A 97 -5.70 6.77 -4.52
N PHE A 98 -6.44 6.82 -3.38
CA PHE A 98 -6.17 5.96 -2.23
C PHE A 98 -6.40 4.49 -2.62
N CYS A 99 -7.52 4.19 -3.28
CA CYS A 99 -7.89 2.84 -3.72
C CYS A 99 -6.79 2.22 -4.62
N ILE A 100 -6.27 3.00 -5.58
CA ILE A 100 -5.20 2.57 -6.49
C ILE A 100 -3.94 2.24 -5.66
N LEU A 101 -3.63 3.07 -4.65
CA LEU A 101 -2.44 2.81 -3.81
C LEU A 101 -2.63 1.64 -2.86
N LEU A 102 -3.84 1.45 -2.32
CA LEU A 102 -4.15 0.31 -1.47
C LEU A 102 -4.04 -1.00 -2.28
N ASP A 103 -4.57 -1.01 -3.52
CA ASP A 103 -4.46 -2.18 -4.41
C ASP A 103 -3.00 -2.46 -4.69
N PHE A 104 -2.20 -1.40 -4.94
CA PHE A 104 -0.74 -1.53 -5.18
C PHE A 104 -0.05 -2.19 -3.99
N MET A 105 -0.38 -1.76 -2.77
CA MET A 105 0.21 -2.32 -1.54
C MET A 105 0.05 -3.84 -1.51
N TYR A 106 -1.13 -4.31 -1.84
CA TYR A 106 -1.44 -5.72 -1.81
C TYR A 106 -1.12 -6.51 -3.08
N THR A 107 -0.78 -5.85 -4.17
CA THR A 107 -0.52 -6.56 -5.41
C THR A 107 0.80 -6.39 -6.17
N SER A 108 1.51 -5.29 -5.92
CA SER A 108 2.77 -4.79 -6.55
C SER A 108 2.44 -4.13 -7.89
N ARG A 109 1.16 -4.07 -8.20
CA ARG A 109 0.69 -3.48 -9.47
C ARG A 109 0.10 -2.10 -9.27
N LEU A 110 0.61 -1.10 -10.01
CA LEU A 110 0.17 0.29 -9.88
C LEU A 110 -0.58 0.73 -11.14
N ASN A 111 -1.89 0.93 -11.00
CA ASN A 111 -2.73 1.28 -12.13
C ASN A 111 -2.67 2.81 -12.44
N LEU A 112 -1.50 3.27 -12.94
CA LEU A 112 -1.28 4.68 -13.29
CA LEU A 112 -1.28 4.68 -13.26
C LEU A 112 -1.87 4.99 -14.64
N ARG A 113 -2.71 6.04 -14.73
CA ARG A 113 -3.34 6.47 -15.97
C ARG A 113 -3.29 8.00 -16.03
N GLU A 114 -3.40 8.58 -17.22
CA GLU A 114 -3.38 10.04 -17.40
C GLU A 114 -4.40 10.73 -16.46
N GLY A 115 -5.61 10.16 -16.36
CA GLY A 115 -6.72 10.68 -15.57
C GLY A 115 -6.60 10.53 -14.06
N ASN A 116 -5.65 9.70 -13.57
CA ASN A 116 -5.52 9.53 -12.12
C ASN A 116 -4.12 9.86 -11.57
N ILE A 117 -3.10 10.06 -12.44
CA ILE A 117 -1.70 10.23 -12.00
C ILE A 117 -1.51 11.38 -10.98
N MET A 118 -2.18 12.53 -11.16
CA MET A 118 -2.03 13.64 -10.20
C MET A 118 -2.56 13.27 -8.81
N ALA A 119 -3.77 12.66 -8.74
CA ALA A 119 -4.36 12.22 -7.47
C ALA A 119 -3.52 11.12 -6.85
N VAL A 120 -2.97 10.18 -7.66
CA VAL A 120 -2.11 9.10 -7.14
C VAL A 120 -0.84 9.71 -6.55
N MET A 121 -0.23 10.67 -7.25
CA MET A 121 0.99 11.29 -6.75
C MET A 121 0.75 12.05 -5.44
N ALA A 122 -0.32 12.89 -5.38
CA ALA A 122 -0.63 13.66 -4.17
C ALA A 122 -0.92 12.72 -2.99
N THR A 123 -1.63 11.60 -3.26
CA THR A 123 -1.94 10.64 -2.21
C THR A 123 -0.65 9.93 -1.73
N ALA A 124 0.24 9.55 -2.66
CA ALA A 124 1.50 8.86 -2.28
C ALA A 124 2.42 9.79 -1.47
N MET A 125 2.36 11.10 -1.74
CA MET A 125 3.12 12.11 -1.00
C MET A 125 2.61 12.17 0.44
N TYR A 126 1.28 12.24 0.61
CA TYR A 126 0.62 12.25 1.92
C TYR A 126 0.92 10.95 2.70
N LEU A 127 0.87 9.81 2.03
CA LEU A 127 1.09 8.51 2.67
C LEU A 127 2.54 8.16 2.87
N GLN A 128 3.43 9.02 2.36
CA GLN A 128 4.86 8.80 2.38
C GLN A 128 5.36 7.53 1.69
N MET A 129 5.01 7.40 0.41
CA MET A 129 5.45 6.30 -0.42
C MET A 129 6.29 7.00 -1.49
N GLU A 130 7.56 7.16 -1.15
CA GLU A 130 8.57 7.90 -1.90
C GLU A 130 8.85 7.40 -3.32
N HIS A 131 9.07 6.09 -3.50
CA HIS A 131 9.35 5.50 -4.82
C HIS A 131 8.14 5.60 -5.75
N VAL A 132 6.92 5.55 -5.19
CA VAL A 132 5.71 5.76 -6.00
C VAL A 132 5.66 7.26 -6.44
N VAL A 133 6.02 8.20 -5.53
CA VAL A 133 6.05 9.64 -5.87
C VAL A 133 7.05 9.85 -7.03
N ASP A 134 8.26 9.29 -6.86
CA ASP A 134 9.35 9.35 -7.85
C ASP A 134 8.90 8.78 -9.19
N THR A 135 8.17 7.66 -9.19
CA THR A 135 7.64 7.03 -10.41
C THR A 135 6.63 7.95 -11.09
N CYS A 136 5.70 8.55 -10.31
CA CYS A 136 4.69 9.47 -10.85
C CYS A 136 5.36 10.66 -11.49
N ARG A 137 6.39 11.22 -10.84
CA ARG A 137 7.16 12.37 -11.34
C ARG A 137 7.80 12.06 -12.70
N LYS A 138 8.43 10.87 -12.85
CA LYS A 138 9.07 10.46 -14.11
C LYS A 138 8.05 10.29 -15.25
N PHE A 139 6.85 9.73 -14.97
CA PHE A 139 5.79 9.57 -15.98
C PHE A 139 5.21 10.93 -16.39
N ILE A 140 5.08 11.88 -15.43
CA ILE A 140 4.61 13.24 -15.69
C ILE A 140 5.62 13.99 -16.59
N LYS A 141 6.92 13.91 -16.23
CA LYS A 141 8.02 14.55 -16.96
C LYS A 141 8.09 14.09 -18.44
N ALA A 142 7.78 12.80 -18.72
CA ALA A 142 7.80 12.27 -20.10
C ALA A 142 6.73 12.88 -21.03
N SER A 143 5.64 13.41 -20.45
CA SER A 143 4.53 14.05 -21.19
C SER A 143 4.67 15.59 -21.22
N GLU A 144 5.76 16.13 -20.65
CA GLU A 144 6.03 17.58 -20.61
C GLU A 144 7.15 17.95 -21.57
#